data_6S1Y
#
_entry.id   6S1Y
#
_cell.length_a   160.972
_cell.length_b   160.972
_cell.length_c   121.888
_cell.angle_alpha   90.00
_cell.angle_beta   90.00
_cell.angle_gamma   120.00
#
_symmetry.space_group_name_H-M   'P 62 2 2'
#
loop_
_entity.id
_entity.type
_entity.pdbx_description
1 polymer 'Angiotensin-converting enzyme'
2 branched beta-D-mannopyranose-(1-4)-2-acetamido-2-deoxy-beta-D-glucopyranose-(1-4)-2-acetamido-2-deoxy-beta-D-glucopyranose
3 branched 2-acetamido-2-deoxy-beta-D-glucopyranose-(1-4)-2-acetamido-2-deoxy-beta-D-glucopyranose
4 non-polymer DI(HYDROXYETHYL)ETHER
5 non-polymer 1,2-ETHANEDIOL
6 non-polymer 'ZINC ION'
7 non-polymer '(2~{S})-2-[[(4~{S})-4-azanyl-5-oxidanyl-5-oxidanylidene-pentanoyl]amino]pentanedioic acid'
8 water water
#
_entity_poly.entity_id   1
_entity_poly.type   'polypeptide(L)'
_entity_poly.pdbx_seq_one_letter_code
;RRSTESEKAPSETEISQIVEWIEQRYQQTKAHQTLAAWEYGSNLTEFNLSKKTKAAADFAEVAKAVAEELQQFKTDQLTN
ATLKRRIKKLAKLGYAALPADQFKELLGAIASMESNYAKAKFCAYGDATKCDLSLDPELTEIFANHREPEELKYYWVQWY
NATGAPVRESFQKYVELNRQAALRNNFSSGAAVWLNEYDDSTFEQQVDDVIEQIRPLYEQLHAYVRYKLRQKYGDKLVSP
TGPIPMHLLGNLWAQTWDNIADFTTPFPEKKLLDVTDEMIRQGYTPIKMFQMGDDFFTSLNMTKLPQTFWDKSILEKPTD
GRDLVCHASAWDFFAIDDVRIKQCTRVNMREFFVVHHELGHIQYYLQYQHQPVEFRGGANPGFHEAVGDVLSLSVSTPKH
LKKVGLLKDYEEDEQVKINQFYRAGVTKLVFLPFAYTLDKYRWGVFRGDIKPREYNCKFWEMRSRYSGVEPPVVRTEQDF
DPPAKYHVSADVEYLRYFVSYVIQFQFHRAACALAGEYVKGDPEKTLNNCDIYQSTAAGNQLKEMLALGSSKPWPDAMEV
LTGERKMSADAILEYFDPLYQWLLEENKRLGAHVGWTDSQKCVSHPIDFMAAKHHHHHHHH
;
_entity_poly.pdbx_strand_id   A
#
# COMPACT_ATOMS: atom_id res chain seq x y z
N PRO A 10 30.86 29.31 14.20
CA PRO A 10 29.81 29.99 13.46
C PRO A 10 28.44 29.94 14.16
N SER A 11 27.68 31.02 14.05
CA SER A 11 26.36 31.09 14.65
C SER A 11 25.36 30.26 13.84
N GLU A 12 24.25 29.90 14.49
CA GLU A 12 23.27 29.06 13.83
C GLU A 12 22.68 29.72 12.59
N THR A 13 22.56 31.05 12.60
CA THR A 13 22.11 31.75 11.39
C THR A 13 23.10 31.60 10.25
N GLU A 14 24.36 31.27 10.56
CA GLU A 14 25.39 31.05 9.56
C GLU A 14 25.44 29.60 9.10
N ILE A 15 25.35 28.64 10.02
CA ILE A 15 25.22 27.24 9.65
C ILE A 15 24.00 27.06 8.75
N SER A 16 22.93 27.80 9.05
CA SER A 16 21.71 27.69 8.25
C SER A 16 21.94 28.08 6.81
N GLN A 17 22.92 28.96 6.54
CA GLN A 17 23.24 29.30 5.17
C GLN A 17 24.01 28.19 4.47
N ILE A 18 24.80 27.42 5.23
CA ILE A 18 25.57 26.33 4.63
C ILE A 18 24.64 25.20 4.22
N VAL A 19 23.76 24.76 5.13
CA VAL A 19 22.84 23.68 4.79
C VAL A 19 21.91 24.12 3.67
N GLU A 20 21.57 25.41 3.63
CA GLU A 20 20.71 25.91 2.56
C GLU A 20 21.38 25.73 1.20
N TRP A 21 22.70 25.93 1.12
CA TRP A 21 23.40 25.64 -0.13
C TRP A 21 23.49 24.14 -0.36
N ILE A 22 23.68 23.37 0.71
CA ILE A 22 23.69 21.91 0.59
C ILE A 22 22.32 21.42 0.13
N GLU A 23 21.24 21.96 0.71
CA GLU A 23 19.89 21.53 0.35
C GLU A 23 19.65 21.63 -1.14
N GLN A 24 20.07 22.73 -1.77
CA GLN A 24 19.82 22.90 -3.20
C GLN A 24 20.65 21.92 -4.01
N ARG A 25 21.90 21.70 -3.59
CA ARG A 25 22.72 20.67 -4.21
C ARG A 25 22.03 19.31 -4.13
N TYR A 26 21.63 18.89 -2.93
CA TYR A 26 20.94 17.61 -2.73
C TYR A 26 19.70 17.53 -3.60
N GLN A 27 18.88 18.58 -3.60
CA GLN A 27 17.62 18.54 -4.33
C GLN A 27 17.82 18.34 -5.83
N GLN A 28 18.84 18.97 -6.40
CA GLN A 28 19.01 18.88 -7.85
C GLN A 28 19.46 17.50 -8.29
N THR A 29 20.39 16.86 -7.58
CA THR A 29 20.78 15.51 -7.98
C THR A 29 19.68 14.51 -7.64
N LYS A 30 18.92 14.74 -6.57
CA LYS A 30 17.83 13.81 -6.29
C LYS A 30 16.76 13.90 -7.36
N ALA A 31 16.53 15.10 -7.89
CA ALA A 31 15.58 15.25 -8.99
C ALA A 31 16.11 14.56 -10.24
N HIS A 32 17.38 14.79 -10.58
CA HIS A 32 17.96 14.10 -11.72
C HIS A 32 17.81 12.59 -11.57
N GLN A 33 18.00 12.10 -10.36
CA GLN A 33 17.90 10.65 -10.14
C GLN A 33 16.47 10.17 -10.28
N THR A 34 15.52 10.90 -9.68
CA THR A 34 14.11 10.55 -9.83
C THR A 34 13.71 10.52 -11.29
N LEU A 35 14.16 11.52 -12.06
CA LEU A 35 13.78 11.60 -13.47
C LEU A 35 14.24 10.36 -14.23
N ALA A 36 15.48 9.94 -14.01
CA ALA A 36 15.97 8.75 -14.69
C ALA A 36 15.21 7.50 -14.27
N ALA A 37 14.80 7.44 -13.00
CA ALA A 37 14.01 6.29 -12.52
C ALA A 37 12.64 6.27 -13.19
N TRP A 38 12.02 7.44 -13.37
CA TRP A 38 10.76 7.50 -14.09
C TRP A 38 10.90 6.95 -15.51
N GLU A 39 11.96 7.32 -16.21
CA GLU A 39 12.10 6.88 -17.59
C GLU A 39 12.22 5.36 -17.67
N TYR A 40 12.99 4.76 -16.78
CA TYR A 40 13.03 3.31 -16.71
C TYR A 40 11.66 2.76 -16.33
N GLY A 41 11.06 3.30 -15.28
CA GLY A 41 9.76 2.79 -14.84
C GLY A 41 8.74 2.78 -15.94
N SER A 42 8.80 3.78 -16.84
CA SER A 42 7.87 3.95 -17.95
C SER A 42 8.27 3.17 -19.18
N ASN A 43 9.49 2.64 -19.21
CA ASN A 43 10.06 2.12 -20.45
C ASN A 43 11.29 1.27 -20.05
N LEU A 44 11.03 0.00 -19.76
CA LEU A 44 12.07 -0.87 -19.19
C LEU A 44 12.97 -1.37 -20.31
N THR A 45 14.03 -0.63 -20.57
CA THR A 45 15.08 -1.08 -21.48
C THR A 45 16.37 -1.15 -20.69
N GLU A 46 17.28 -1.99 -21.19
CA GLU A 46 18.57 -2.08 -20.52
C GLU A 46 19.31 -0.77 -20.59
N PHE A 47 19.16 -0.05 -21.70
CA PHE A 47 19.75 1.28 -21.78
C PHE A 47 19.21 2.20 -20.69
N ASN A 48 17.87 2.22 -20.52
CA ASN A 48 17.27 3.08 -19.51
C ASN A 48 17.63 2.64 -18.10
N LEU A 49 17.87 1.33 -17.90
CA LEU A 49 18.33 0.89 -16.59
C LEU A 49 19.71 1.46 -16.28
N SER A 50 20.63 1.46 -17.26
CA SER A 50 21.97 1.99 -17.01
C SER A 50 21.93 3.46 -16.63
N LYS A 51 21.07 4.23 -17.28
CA LYS A 51 20.94 5.64 -16.91
C LYS A 51 20.32 5.78 -15.51
N LYS A 52 19.38 4.91 -15.16
CA LYS A 52 18.81 4.99 -13.83
C LYS A 52 19.87 4.73 -12.77
N THR A 53 20.71 3.71 -12.95
CA THR A 53 21.69 3.44 -11.91
C THR A 53 22.83 4.43 -11.95
N LYS A 54 23.23 4.90 -13.15
CA LYS A 54 24.21 5.99 -13.21
C LYS A 54 23.73 7.21 -12.42
N ALA A 55 22.52 7.67 -12.68
CA ALA A 55 22.02 8.85 -11.97
C ALA A 55 21.88 8.57 -10.48
N ALA A 56 21.56 7.32 -10.12
CA ALA A 56 21.54 6.95 -8.70
C ALA A 56 22.95 6.94 -8.13
N ALA A 57 23.92 6.42 -8.88
CA ALA A 57 25.31 6.45 -8.42
C ALA A 57 25.77 7.88 -8.21
N ASP A 58 25.44 8.77 -9.16
CA ASP A 58 25.77 10.19 -9.03
C ASP A 58 25.21 10.76 -7.75
N PHE A 59 23.93 10.51 -7.48
CA PHE A 59 23.32 11.02 -6.27
C PHE A 59 24.01 10.44 -5.04
N ALA A 60 24.39 9.16 -5.11
CA ALA A 60 25.05 8.51 -3.98
C ALA A 60 26.34 9.23 -3.61
N GLU A 61 27.14 9.60 -4.62
CA GLU A 61 28.32 10.42 -4.37
C GLU A 61 27.95 11.71 -3.66
N VAL A 62 27.03 12.49 -4.24
CA VAL A 62 26.61 13.76 -3.64
C VAL A 62 26.24 13.55 -2.17
N ALA A 63 25.45 12.52 -1.87
CA ALA A 63 24.96 12.35 -0.49
C ALA A 63 26.10 11.99 0.46
N LYS A 64 27.10 11.25 -0.02
CA LYS A 64 28.26 10.97 0.81
C LYS A 64 29.01 12.27 1.16
N ALA A 65 29.23 13.13 0.17
CA ALA A 65 29.90 14.41 0.40
C ALA A 65 29.10 15.29 1.34
N VAL A 66 27.79 15.38 1.11
CA VAL A 66 26.93 16.15 2.00
C VAL A 66 27.05 15.64 3.43
N ALA A 67 27.06 14.33 3.61
CA ALA A 67 27.09 13.77 4.97
C ALA A 67 28.38 14.14 5.68
N GLU A 68 29.51 14.05 4.97
CA GLU A 68 30.77 14.48 5.58
C GLU A 68 30.78 15.97 5.83
N GLU A 69 30.40 16.78 4.84
CA GLU A 69 30.37 18.22 5.03
C GLU A 69 29.58 18.61 6.27
N LEU A 70 28.60 17.81 6.67
CA LEU A 70 27.74 18.16 7.78
C LEU A 70 28.28 17.71 9.13
N GLN A 71 29.28 16.83 9.15
CA GLN A 71 29.92 16.42 10.40
C GLN A 71 30.78 17.52 11.00
N GLN A 72 30.87 18.68 10.34
CA GLN A 72 31.64 19.81 10.83
C GLN A 72 30.82 20.75 11.70
N PHE A 73 29.60 20.38 12.06
CA PHE A 73 28.76 21.19 12.95
C PHE A 73 28.41 20.34 14.16
N LYS A 74 28.45 20.95 15.35
CA LYS A 74 28.41 20.16 16.59
C LYS A 74 27.05 19.50 16.78
N THR A 75 25.97 20.27 16.66
CA THR A 75 24.59 19.82 16.80
C THR A 75 24.20 19.60 18.27
N ASP A 76 25.14 19.71 19.21
CA ASP A 76 24.81 19.67 20.63
C ASP A 76 24.86 21.05 21.28
N GLN A 77 25.50 22.02 20.62
CA GLN A 77 25.41 23.42 20.99
C GLN A 77 24.40 24.19 20.14
N LEU A 78 23.81 23.54 19.14
CA LEU A 78 22.76 24.17 18.36
C LEU A 78 21.46 24.17 19.16
N THR A 79 20.59 25.13 18.83
CA THR A 79 19.38 25.37 19.61
C THR A 79 18.11 25.28 18.78
N ASN A 80 18.05 25.92 17.61
CA ASN A 80 16.90 25.76 16.71
C ASN A 80 16.71 24.27 16.48
N ALA A 81 15.61 23.71 17.00
CA ALA A 81 15.36 22.28 16.83
C ALA A 81 15.14 21.94 15.36
N THR A 82 14.39 22.80 14.65
CA THR A 82 14.22 22.62 13.21
C THR A 82 15.55 22.44 12.50
N LEU A 83 16.60 23.13 12.97
CA LEU A 83 17.89 23.08 12.30
C LEU A 83 18.59 21.75 12.58
N LYS A 84 18.60 21.32 13.84
CA LYS A 84 19.15 20.01 14.18
C LYS A 84 18.52 18.93 13.29
N ARG A 85 17.23 19.08 13.00
CA ARG A 85 16.49 18.06 12.27
C ARG A 85 16.87 18.08 10.80
N ARG A 86 17.11 19.27 10.24
CA ARG A 86 17.52 19.35 8.84
C ARG A 86 18.88 18.71 8.63
N ILE A 87 19.77 18.81 9.61
CA ILE A 87 21.10 18.25 9.47
C ILE A 87 21.07 16.73 9.61
N LYS A 88 20.24 16.21 10.52
CA LYS A 88 20.15 14.77 10.70
C LYS A 88 19.57 14.08 9.47
N LYS A 89 18.51 14.64 8.89
CA LYS A 89 17.87 14.00 7.74
C LYS A 89 18.71 14.11 6.49
N LEU A 90 19.47 15.19 6.35
CA LEU A 90 20.37 15.31 5.21
C LEU A 90 21.55 14.36 5.34
N ALA A 91 21.92 14.01 6.56
CA ALA A 91 23.05 13.13 6.79
C ALA A 91 22.69 11.65 6.74
N LYS A 92 21.41 11.32 6.57
CA LYS A 92 20.99 9.91 6.54
C LYS A 92 21.25 9.35 5.14
N LEU A 93 22.17 8.39 5.05
CA LEU A 93 22.65 7.91 3.76
C LEU A 93 21.84 6.74 3.23
N GLY A 94 21.42 5.83 4.10
CA GLY A 94 20.80 4.59 3.63
C GLY A 94 21.77 3.83 2.75
N TYR A 95 21.25 3.39 1.60
CA TYR A 95 22.05 2.58 0.69
C TYR A 95 23.28 3.33 0.21
N ALA A 96 23.19 4.66 0.13
CA ALA A 96 24.33 5.44 -0.36
C ALA A 96 25.54 5.29 0.55
N ALA A 97 25.41 4.68 1.73
CA ALA A 97 26.58 4.44 2.56
C ALA A 97 27.53 3.42 1.98
N LEU A 98 27.14 2.69 0.96
CA LEU A 98 28.00 1.63 0.46
C LEU A 98 29.04 2.16 -0.52
N PRO A 99 30.21 1.54 -0.61
CA PRO A 99 31.11 1.84 -1.72
C PRO A 99 30.36 1.67 -3.03
N ALA A 100 30.71 2.50 -4.01
CA ALA A 100 29.89 2.62 -5.22
C ALA A 100 29.73 1.28 -5.93
N ASP A 101 30.74 0.43 -5.90
CA ASP A 101 30.60 -0.86 -6.58
C ASP A 101 29.48 -1.67 -5.95
N GLN A 102 29.44 -1.72 -4.61
CA GLN A 102 28.40 -2.49 -3.92
C GLN A 102 27.04 -1.80 -4.04
N PHE A 103 27.02 -0.46 -4.08
CA PHE A 103 25.79 0.28 -4.33
C PHE A 103 25.16 -0.15 -5.66
N LYS A 104 25.94 -0.11 -6.74
CA LYS A 104 25.37 -0.49 -8.03
C LYS A 104 25.05 -1.97 -8.08
N GLU A 105 25.75 -2.78 -7.29
CA GLU A 105 25.43 -4.21 -7.26
C GLU A 105 24.08 -4.42 -6.58
N LEU A 106 23.79 -3.65 -5.56
CA LEU A 106 22.51 -3.75 -4.86
C LEU A 106 21.36 -3.29 -5.76
N LEU A 107 21.48 -2.09 -6.34
CA LEU A 107 20.39 -1.63 -7.22
C LEU A 107 20.17 -2.59 -8.37
N GLY A 108 21.25 -3.19 -8.88
CA GLY A 108 21.11 -4.14 -9.97
C GLY A 108 20.43 -5.43 -9.55
N ALA A 109 20.63 -5.84 -8.30
CA ALA A 109 19.91 -7.01 -7.79
C ALA A 109 18.42 -6.72 -7.71
N ILE A 110 18.05 -5.55 -7.18
CA ILE A 110 16.64 -5.16 -7.08
C ILE A 110 16.02 -5.07 -8.47
N ALA A 111 16.63 -4.26 -9.34
CA ALA A 111 16.12 -4.10 -10.70
C ALA A 111 15.97 -5.44 -11.40
N SER A 112 16.85 -6.39 -11.10
CA SER A 112 16.72 -7.71 -11.69
C SER A 112 15.42 -8.39 -11.26
N MET A 113 15.05 -8.27 -9.98
CA MET A 113 13.77 -8.81 -9.52
C MET A 113 12.59 -8.06 -10.14
N GLU A 114 12.61 -6.72 -10.03
CA GLU A 114 11.49 -5.91 -10.49
C GLU A 114 11.27 -6.07 -11.98
N SER A 115 12.36 -6.14 -12.74
CA SER A 115 12.25 -6.34 -14.18
C SER A 115 11.59 -7.66 -14.51
N ASN A 116 11.99 -8.72 -13.81
CA ASN A 116 11.39 -10.04 -14.04
C ASN A 116 9.89 -10.01 -13.76
N TYR A 117 9.50 -9.30 -12.70
CA TYR A 117 8.08 -9.17 -12.35
C TYR A 117 7.31 -8.42 -13.41
N ALA A 118 7.84 -7.27 -13.87
CA ALA A 118 7.08 -6.41 -14.78
C ALA A 118 6.97 -7.01 -16.18
N LYS A 119 7.91 -7.86 -16.57
CA LYS A 119 7.97 -8.36 -17.92
C LYS A 119 7.31 -9.73 -18.11
N ALA A 120 6.76 -10.33 -17.08
CA ALA A 120 6.24 -11.68 -17.21
C ALA A 120 5.01 -11.71 -18.09
N LYS A 121 4.91 -12.74 -18.94
CA LYS A 121 3.76 -12.95 -19.82
C LYS A 121 3.36 -14.41 -19.77
N PHE A 122 2.12 -14.69 -20.17
CA PHE A 122 1.56 -16.02 -19.91
C PHE A 122 0.69 -16.48 -21.05
N CYS A 123 0.67 -17.80 -21.23
CA CYS A 123 -0.24 -18.46 -22.17
C CYS A 123 -1.61 -18.69 -21.54
N ALA A 124 -2.65 -18.49 -22.34
CA ALA A 124 -4.00 -18.62 -21.83
C ALA A 124 -4.28 -20.07 -21.46
N TYR A 125 -5.10 -20.23 -20.40
CA TYR A 125 -5.55 -21.54 -19.98
C TYR A 125 -6.22 -22.22 -21.16
N GLY A 126 -5.67 -23.37 -21.56
CA GLY A 126 -6.26 -24.14 -22.65
C GLY A 126 -5.93 -23.66 -24.05
N ASP A 127 -5.22 -22.54 -24.21
CA ASP A 127 -4.82 -22.04 -25.53
C ASP A 127 -3.36 -21.61 -25.56
N ALA A 128 -2.47 -22.54 -25.93
CA ALA A 128 -1.05 -22.27 -26.05
C ALA A 128 -0.70 -21.33 -27.19
N THR A 129 -1.65 -20.97 -28.05
CA THR A 129 -1.38 -20.04 -29.13
C THR A 129 -1.64 -18.59 -28.74
N LYS A 130 -2.14 -18.35 -27.53
CA LYS A 130 -2.38 -16.99 -27.06
C LYS A 130 -1.53 -16.78 -25.81
N CYS A 131 -0.43 -16.06 -25.94
CA CYS A 131 0.57 -15.99 -24.89
C CYS A 131 1.03 -14.56 -24.65
N ASP A 132 0.10 -13.60 -24.76
CA ASP A 132 0.38 -12.20 -24.47
C ASP A 132 -0.32 -11.71 -23.21
N LEU A 133 -0.78 -12.63 -22.34
CA LEU A 133 -1.44 -12.24 -21.10
C LEU A 133 -0.44 -11.69 -20.10
N SER A 134 -0.82 -10.61 -19.42
CA SER A 134 -0.03 -10.00 -18.36
C SER A 134 -0.84 -9.95 -17.06
N LEU A 135 -0.13 -9.64 -15.96
CA LEU A 135 -0.82 -9.30 -14.72
C LEU A 135 -1.84 -8.20 -14.96
N ASP A 136 -1.41 -7.13 -15.62
CA ASP A 136 -2.21 -5.92 -15.78
C ASP A 136 -2.51 -5.78 -17.27
N PRO A 137 -3.74 -6.06 -17.73
CA PRO A 137 -4.94 -6.35 -16.95
C PRO A 137 -5.44 -7.79 -16.90
N GLU A 138 -4.91 -8.68 -17.73
CA GLU A 138 -5.59 -9.96 -17.92
C GLU A 138 -5.68 -10.78 -16.63
N LEU A 139 -4.55 -11.02 -15.96
CA LEU A 139 -4.60 -11.91 -14.79
C LEU A 139 -5.36 -11.27 -13.63
N THR A 140 -5.14 -9.98 -13.40
CA THR A 140 -5.92 -9.26 -12.39
C THR A 140 -7.42 -9.47 -12.57
N GLU A 141 -7.89 -9.48 -13.81
CA GLU A 141 -9.32 -9.51 -14.07
C GLU A 141 -9.84 -10.93 -14.10
N ILE A 142 -9.01 -11.89 -14.51
CA ILE A 142 -9.37 -13.29 -14.34
C ILE A 142 -9.62 -13.61 -12.88
N PHE A 143 -8.66 -13.27 -12.01
CA PHE A 143 -8.86 -13.54 -10.59
C PHE A 143 -10.06 -12.76 -10.05
N ALA A 144 -10.26 -11.54 -10.52
CA ALA A 144 -11.35 -10.73 -9.95
C ALA A 144 -12.73 -11.34 -10.30
N ASN A 145 -12.89 -11.84 -11.52
CA ASN A 145 -14.22 -12.13 -12.04
C ASN A 145 -14.49 -13.59 -12.38
N HIS A 146 -13.47 -14.44 -12.54
CA HIS A 146 -13.71 -15.81 -12.96
C HIS A 146 -13.83 -16.72 -11.75
N ARG A 147 -14.88 -17.54 -11.73
CA ARG A 147 -15.12 -18.44 -10.61
C ARG A 147 -14.89 -19.90 -11.00
N GLU A 148 -13.79 -20.19 -11.68
N GLU A 148 -13.75 -20.18 -11.62
CA GLU A 148 -13.49 -21.57 -12.09
CA GLU A 148 -13.41 -21.52 -12.12
C GLU A 148 -12.20 -21.98 -11.40
C GLU A 148 -12.16 -21.98 -11.40
N PRO A 149 -12.26 -22.84 -10.38
CA PRO A 149 -11.08 -23.14 -9.55
C PRO A 149 -9.88 -23.66 -10.31
N GLU A 150 -10.07 -24.54 -11.29
CA GLU A 150 -8.94 -25.11 -12.00
C GLU A 150 -8.27 -24.08 -12.88
N GLU A 151 -9.03 -23.14 -13.44
CA GLU A 151 -8.44 -22.05 -14.19
C GLU A 151 -7.66 -21.11 -13.26
N LEU A 152 -8.29 -20.73 -12.14
CA LEU A 152 -7.60 -19.91 -11.15
C LEU A 152 -6.32 -20.59 -10.67
N LYS A 153 -6.37 -21.89 -10.43
CA LYS A 153 -5.18 -22.59 -9.95
C LYS A 153 -4.05 -22.56 -10.98
N TYR A 154 -4.39 -22.80 -12.26
CA TYR A 154 -3.39 -22.71 -13.32
C TYR A 154 -2.70 -21.36 -13.32
N TYR A 155 -3.48 -20.27 -13.29
CA TYR A 155 -2.84 -18.97 -13.37
C TYR A 155 -2.06 -18.66 -12.10
N TRP A 156 -2.57 -19.09 -10.94
CA TRP A 156 -1.82 -18.88 -9.71
C TRP A 156 -0.45 -19.55 -9.81
N VAL A 157 -0.43 -20.82 -10.25
CA VAL A 157 0.82 -21.55 -10.42
C VAL A 157 1.73 -20.91 -11.44
N GLN A 158 1.18 -20.53 -12.60
CA GLN A 158 1.96 -19.81 -13.61
C GLN A 158 2.60 -18.55 -13.02
N TRP A 159 1.80 -17.73 -12.34
CA TRP A 159 2.31 -16.46 -11.85
C TRP A 159 3.48 -16.66 -10.89
N TYR A 160 3.27 -17.49 -9.86
CA TYR A 160 4.27 -17.67 -8.82
C TYR A 160 5.51 -18.40 -9.35
N ASN A 161 5.34 -19.36 -10.25
CA ASN A 161 6.51 -20.03 -10.80
C ASN A 161 7.37 -19.07 -11.62
N ALA A 162 6.78 -18.04 -12.20
CA ALA A 162 7.50 -17.11 -13.06
C ALA A 162 8.09 -15.92 -12.32
N THR A 163 7.48 -15.46 -11.22
CA THR A 163 7.94 -14.25 -10.56
C THR A 163 8.62 -14.51 -9.23
N GLY A 164 8.69 -15.75 -8.78
CA GLY A 164 9.24 -16.12 -7.48
C GLY A 164 10.59 -16.80 -7.65
N ALA A 165 10.62 -18.12 -7.78
CA ALA A 165 11.89 -18.86 -7.78
C ALA A 165 12.92 -18.35 -8.78
N PRO A 166 12.56 -17.89 -9.97
CA PRO A 166 13.61 -17.45 -10.91
C PRO A 166 14.50 -16.34 -10.39
N VAL A 167 14.11 -15.59 -9.37
CA VAL A 167 14.92 -14.48 -8.90
C VAL A 167 15.49 -14.74 -7.51
N ARG A 168 15.53 -16.00 -7.05
CA ARG A 168 16.05 -16.32 -5.72
C ARG A 168 17.42 -15.69 -5.51
N GLU A 169 18.33 -15.88 -6.46
CA GLU A 169 19.71 -15.44 -6.28
C GLU A 169 19.82 -13.92 -6.22
N SER A 170 19.10 -13.20 -7.09
CA SER A 170 19.08 -11.75 -6.95
C SER A 170 18.55 -11.34 -5.60
N PHE A 171 17.48 -12.00 -5.14
CA PHE A 171 16.97 -11.70 -3.79
C PHE A 171 18.04 -11.94 -2.73
N GLN A 172 18.77 -13.05 -2.81
CA GLN A 172 19.77 -13.34 -1.79
C GLN A 172 20.86 -12.27 -1.77
N LYS A 173 21.27 -11.82 -2.96
CA LYS A 173 22.25 -10.74 -3.05
C LYS A 173 21.69 -9.45 -2.47
N TYR A 174 20.44 -9.15 -2.77
CA TYR A 174 19.82 -7.95 -2.22
C TYR A 174 19.80 -7.99 -0.70
N VAL A 175 19.48 -9.14 -0.13
CA VAL A 175 19.46 -9.23 1.31
C VAL A 175 20.84 -8.96 1.89
N GLU A 176 21.88 -9.51 1.27
CA GLU A 176 23.23 -9.41 1.84
C GLU A 176 23.72 -7.97 1.84
N LEU A 177 23.48 -7.23 0.74
CA LEU A 177 23.95 -5.87 0.65
C LEU A 177 23.04 -4.89 1.35
N ASN A 178 21.75 -5.21 1.46
CA ASN A 178 20.86 -4.42 2.31
C ASN A 178 21.38 -4.47 3.75
N ARG A 179 21.91 -5.63 4.15
CA ARG A 179 22.50 -5.76 5.48
C ARG A 179 23.78 -4.95 5.61
N GLN A 180 24.68 -5.06 4.62
CA GLN A 180 25.91 -4.27 4.66
C GLN A 180 25.62 -2.79 4.80
N ALA A 181 24.55 -2.30 4.15
CA ALA A 181 24.25 -0.88 4.23
C ALA A 181 23.74 -0.50 5.61
N ALA A 182 22.97 -1.39 6.25
CA ALA A 182 22.47 -1.11 7.58
C ALA A 182 23.62 -1.07 8.60
N LEU A 183 24.56 -2.01 8.49
CA LEU A 183 25.73 -2.02 9.36
C LEU A 183 26.57 -0.76 9.18
N ARG A 184 26.83 -0.36 7.92
CA ARG A 184 27.56 0.86 7.66
C ARG A 184 26.85 2.11 8.16
N ASN A 185 25.56 2.02 8.50
CA ASN A 185 24.83 3.14 9.09
C ASN A 185 24.63 2.97 10.60
N ASN A 186 25.24 1.96 11.20
CA ASN A 186 25.16 1.71 12.64
C ASN A 186 23.80 1.17 13.07
N PHE A 187 23.10 0.44 12.19
CA PHE A 187 21.92 -0.31 12.54
C PHE A 187 22.24 -1.80 12.56
N SER A 188 21.53 -2.54 13.41
CA SER A 188 21.80 -3.98 13.55
C SER A 188 21.39 -4.77 12.30
N SER A 189 20.42 -4.28 11.54
CA SER A 189 19.90 -5.02 10.40
C SER A 189 19.01 -4.11 9.55
N GLY A 190 18.68 -4.58 8.35
CA GLY A 190 17.74 -3.89 7.50
C GLY A 190 16.40 -3.63 8.16
N ALA A 191 16.00 -4.49 9.11
CA ALA A 191 14.72 -4.29 9.77
C ALA A 191 14.75 -3.09 10.70
N ALA A 192 15.87 -2.87 11.39
CA ALA A 192 16.01 -1.69 12.24
C ALA A 192 15.95 -0.43 11.38
N VAL A 193 16.53 -0.49 10.20
CA VAL A 193 16.48 0.66 9.30
C VAL A 193 15.03 1.04 8.99
N TRP A 194 14.24 0.04 8.54
CA TRP A 194 12.85 0.30 8.21
C TRP A 194 12.08 0.79 9.42
N LEU A 195 12.25 0.12 10.56
CA LEU A 195 11.51 0.51 11.76
C LEU A 195 11.95 1.90 12.25
N ASN A 196 13.19 2.30 11.96
CA ASN A 196 13.64 3.62 12.37
C ASN A 196 12.79 4.75 11.80
N GLU A 197 12.25 4.57 10.59
CA GLU A 197 11.40 5.58 9.97
C GLU A 197 10.17 5.96 10.80
N TYR A 198 9.81 5.15 11.80
CA TYR A 198 8.63 5.43 12.63
C TYR A 198 9.02 6.03 13.98
N ASP A 199 10.31 6.11 14.27
CA ASP A 199 10.83 6.93 15.36
C ASP A 199 10.15 6.60 16.69
N ASP A 200 10.28 5.35 17.09
CA ASP A 200 9.66 4.90 18.35
C ASP A 200 10.11 3.47 18.63
N SER A 201 10.89 3.30 19.70
CA SER A 201 11.52 2.02 19.98
C SER A 201 10.52 0.96 20.40
N THR A 202 9.32 1.36 20.77
CA THR A 202 8.25 0.42 21.07
C THR A 202 7.32 0.17 19.88
N PHE A 203 7.68 0.65 18.68
CA PHE A 203 6.74 0.59 17.57
C PHE A 203 6.48 -0.84 17.11
N GLU A 204 7.51 -1.69 17.10
CA GLU A 204 7.25 -3.09 16.74
C GLU A 204 6.20 -3.70 17.65
N GLN A 205 6.23 -3.36 18.94
CA GLN A 205 5.25 -3.92 19.87
C GLN A 205 3.87 -3.34 19.59
N GLN A 206 3.79 -2.05 19.26
CA GLN A 206 2.50 -1.45 18.98
C GLN A 206 1.79 -2.16 17.84
N VAL A 207 2.56 -2.62 16.85
CA VAL A 207 1.99 -3.29 15.68
C VAL A 207 1.47 -4.67 16.07
N ASP A 208 2.25 -5.42 16.84
CA ASP A 208 1.77 -6.67 17.42
C ASP A 208 0.49 -6.44 18.23
N ASP A 209 0.43 -5.36 18.99
CA ASP A 209 -0.78 -5.12 19.79
C ASP A 209 -1.99 -4.85 18.91
N VAL A 210 -1.81 -4.14 17.79
CA VAL A 210 -2.95 -3.90 16.91
C VAL A 210 -3.42 -5.20 16.28
N ILE A 211 -2.48 -6.05 15.85
CA ILE A 211 -2.84 -7.33 15.26
C ILE A 211 -3.68 -8.16 16.22
N GLU A 212 -3.33 -8.15 17.51
CA GLU A 212 -4.08 -8.94 18.47
C GLU A 212 -5.47 -8.37 18.72
N GLN A 213 -5.63 -7.05 18.62
CA GLN A 213 -6.96 -6.46 18.79
C GLN A 213 -7.84 -6.72 17.58
N ILE A 214 -7.24 -6.72 16.39
CA ILE A 214 -7.94 -7.03 15.14
C ILE A 214 -8.33 -8.51 15.04
N ARG A 215 -7.52 -9.40 15.61
CA ARG A 215 -7.66 -10.83 15.33
C ARG A 215 -9.06 -11.37 15.56
N PRO A 216 -9.76 -11.07 16.65
CA PRO A 216 -11.08 -11.70 16.84
C PRO A 216 -12.05 -11.31 15.75
N LEU A 217 -11.99 -10.06 15.31
CA LEU A 217 -12.86 -9.60 14.24
C LEU A 217 -12.44 -10.27 12.93
N TYR A 218 -11.14 -10.26 12.63
CA TYR A 218 -10.69 -10.91 11.41
C TYR A 218 -11.07 -12.39 11.40
N GLU A 219 -11.02 -13.07 12.55
CA GLU A 219 -11.32 -14.50 12.51
C GLU A 219 -12.81 -14.76 12.29
N GLN A 220 -13.68 -13.92 12.83
CA GLN A 220 -15.09 -14.06 12.51
C GLN A 220 -15.35 -13.85 11.02
N LEU A 221 -14.70 -12.86 10.41
CA LEU A 221 -14.95 -12.57 8.99
C LEU A 221 -14.41 -13.68 8.12
N HIS A 222 -13.15 -14.05 8.35
CA HIS A 222 -12.56 -15.23 7.72
C HIS A 222 -13.49 -16.43 7.80
N ALA A 223 -14.12 -16.64 8.95
CA ALA A 223 -14.96 -17.82 9.10
C ALA A 223 -16.22 -17.73 8.24
N TYR A 224 -16.79 -16.55 8.10
CA TYR A 224 -17.97 -16.40 7.26
C TYR A 224 -17.62 -16.59 5.78
N VAL A 225 -16.53 -15.97 5.33
CA VAL A 225 -16.11 -16.12 3.94
C VAL A 225 -15.88 -17.59 3.62
N ARG A 226 -15.15 -18.29 4.49
CA ARG A 226 -14.89 -19.70 4.25
C ARG A 226 -16.18 -20.50 4.18
N TYR A 227 -17.13 -20.22 5.05
CA TYR A 227 -18.40 -20.91 5.00
C TYR A 227 -19.09 -20.69 3.65
N LYS A 228 -19.13 -19.44 3.17
CA LYS A 228 -19.82 -19.16 1.90
C LYS A 228 -19.07 -19.74 0.71
N LEU A 229 -17.74 -19.67 0.70
CA LEU A 229 -17.01 -20.28 -0.42
C LEU A 229 -17.25 -21.78 -0.47
N ARG A 230 -17.35 -22.43 0.69
CA ARG A 230 -17.61 -23.86 0.71
C ARG A 230 -19.01 -24.19 0.21
N GLN A 231 -20.01 -23.37 0.54
CA GLN A 231 -21.35 -23.60 0.00
C GLN A 231 -21.36 -23.43 -1.52
N LYS A 232 -20.60 -22.46 -2.03
CA LYS A 232 -20.56 -22.19 -3.47
C LYS A 232 -19.72 -23.21 -4.23
N TYR A 233 -18.54 -23.59 -3.71
CA TYR A 233 -17.62 -24.41 -4.45
C TYR A 233 -17.58 -25.87 -4.00
N GLY A 234 -18.03 -26.19 -2.79
CA GLY A 234 -18.10 -27.56 -2.33
C GLY A 234 -17.00 -27.90 -1.34
N ASP A 235 -17.24 -28.99 -0.60
CA ASP A 235 -16.35 -29.35 0.51
C ASP A 235 -15.00 -29.92 0.05
N LYS A 236 -14.94 -30.55 -1.12
CA LYS A 236 -13.64 -31.07 -1.57
C LYS A 236 -12.66 -29.95 -1.87
N LEU A 237 -13.16 -28.81 -2.36
CA LEU A 237 -12.29 -27.68 -2.66
C LEU A 237 -12.00 -26.85 -1.42
N VAL A 238 -13.02 -26.60 -0.59
CA VAL A 238 -12.88 -25.72 0.56
C VAL A 238 -13.13 -26.53 1.83
N SER A 239 -12.07 -26.77 2.58
CA SER A 239 -12.21 -27.43 3.86
C SER A 239 -13.00 -26.54 4.83
N PRO A 240 -13.89 -27.12 5.64
CA PRO A 240 -14.55 -26.30 6.66
C PRO A 240 -13.65 -25.90 7.80
N THR A 241 -12.47 -26.49 7.96
CA THR A 241 -11.64 -26.24 9.14
C THR A 241 -10.24 -25.79 8.83
N GLY A 242 -9.76 -25.99 7.61
CA GLY A 242 -8.42 -25.59 7.26
C GLY A 242 -8.38 -24.19 6.70
N PRO A 243 -7.18 -23.73 6.35
CA PRO A 243 -7.04 -22.41 5.73
C PRO A 243 -7.75 -22.35 4.40
N ILE A 244 -8.12 -21.15 3.98
CA ILE A 244 -8.84 -20.96 2.72
C ILE A 244 -7.86 -21.07 1.56
N PRO A 245 -8.15 -21.91 0.54
CA PRO A 245 -7.36 -21.86 -0.71
C PRO A 245 -7.33 -20.45 -1.27
N MET A 246 -6.16 -19.82 -1.33
CA MET A 246 -6.11 -18.38 -1.59
C MET A 246 -6.51 -18.02 -3.02
N HIS A 247 -6.49 -18.94 -3.97
CA HIS A 247 -6.78 -18.59 -5.35
C HIS A 247 -8.26 -18.33 -5.57
N LEU A 248 -9.07 -18.54 -4.56
CA LEU A 248 -10.51 -18.30 -4.62
C LEU A 248 -10.91 -16.97 -4.02
N LEU A 249 -9.95 -16.15 -3.61
CA LEU A 249 -10.28 -14.92 -2.90
C LEU A 249 -10.18 -13.68 -3.79
N GLY A 250 -10.13 -13.87 -5.11
CA GLY A 250 -10.31 -12.79 -6.05
C GLY A 250 -9.09 -11.95 -6.31
N ASN A 251 -7.93 -12.39 -5.82
CA ASN A 251 -6.72 -11.57 -5.75
C ASN A 251 -5.53 -12.52 -5.63
N LEU A 252 -4.48 -12.29 -6.44
CA LEU A 252 -3.37 -13.24 -6.52
C LEU A 252 -2.67 -13.44 -5.19
N TRP A 253 -2.66 -12.44 -4.32
CA TRP A 253 -2.01 -12.51 -3.02
C TRP A 253 -3.00 -12.68 -1.88
N ALA A 254 -4.30 -12.70 -2.17
CA ALA A 254 -5.36 -12.75 -1.16
C ALA A 254 -5.25 -11.60 -0.18
N GLN A 255 -4.73 -10.46 -0.63
CA GLN A 255 -4.51 -9.36 0.29
C GLN A 255 -5.78 -8.57 0.56
N THR A 256 -6.69 -8.51 -0.41
CA THR A 256 -8.00 -7.93 -0.24
C THR A 256 -8.97 -8.84 -0.97
N TRP A 257 -10.17 -9.00 -0.43
CA TRP A 257 -11.13 -9.93 -1.00
C TRP A 257 -12.35 -9.22 -1.58
N ASP A 258 -12.22 -7.93 -1.91
CA ASP A 258 -13.31 -7.15 -2.47
C ASP A 258 -13.94 -7.80 -3.68
N ASN A 259 -13.14 -8.50 -4.50
CA ASN A 259 -13.68 -9.08 -5.74
C ASN A 259 -14.60 -10.27 -5.53
N ILE A 260 -14.62 -10.87 -4.33
CA ILE A 260 -15.62 -11.90 -4.06
C ILE A 260 -16.68 -11.39 -3.09
N ALA A 261 -16.80 -10.07 -2.90
CA ALA A 261 -17.78 -9.57 -1.95
C ALA A 261 -19.20 -9.92 -2.36
N ASP A 262 -19.58 -9.64 -3.61
CA ASP A 262 -20.94 -9.93 -4.02
C ASP A 262 -21.19 -11.43 -4.09
N PHE A 263 -20.23 -12.18 -4.62
CA PHE A 263 -20.29 -13.64 -4.67
C PHE A 263 -20.56 -14.28 -3.31
N THR A 264 -20.13 -13.65 -2.21
CA THR A 264 -20.30 -14.25 -0.88
C THR A 264 -21.11 -13.39 0.08
N THR A 265 -21.88 -12.43 -0.42
CA THR A 265 -22.47 -11.42 0.44
C THR A 265 -23.64 -12.00 1.24
N PRO A 266 -23.92 -11.44 2.41
CA PRO A 266 -25.02 -11.99 3.23
C PRO A 266 -26.38 -11.96 2.54
N PHE A 267 -26.70 -10.91 1.79
CA PHE A 267 -28.05 -10.69 1.28
C PHE A 267 -27.93 -10.36 -0.21
N PRO A 268 -27.68 -11.39 -1.03
CA PRO A 268 -27.40 -11.14 -2.45
C PRO A 268 -28.58 -10.58 -3.22
N GLU A 269 -29.80 -10.71 -2.74
CA GLU A 269 -30.92 -10.10 -3.44
C GLU A 269 -31.35 -8.78 -2.82
N LYS A 270 -30.52 -8.19 -1.96
CA LYS A 270 -30.68 -6.81 -1.51
C LYS A 270 -29.60 -5.96 -2.15
N LYS A 271 -29.82 -4.64 -2.13
CA LYS A 271 -28.93 -3.73 -2.83
C LYS A 271 -27.47 -4.05 -2.52
N LEU A 272 -26.67 -4.11 -3.58
CA LEU A 272 -25.23 -4.29 -3.52
C LEU A 272 -24.53 -3.00 -3.95
N LEU A 273 -23.25 -2.91 -3.65
CA LEU A 273 -22.53 -1.65 -3.74
C LEU A 273 -21.30 -1.72 -4.65
N ASP A 274 -21.35 -2.51 -5.72
CA ASP A 274 -20.35 -2.46 -6.77
C ASP A 274 -20.88 -1.58 -7.91
N VAL A 275 -20.26 -0.44 -8.11
CA VAL A 275 -20.70 0.56 -9.06
C VAL A 275 -19.99 0.40 -10.41
N THR A 276 -19.32 -0.72 -10.63
CA THR A 276 -18.60 -0.90 -11.87
C THR A 276 -19.52 -0.80 -13.08
N ASP A 277 -20.65 -1.51 -13.04
CA ASP A 277 -21.54 -1.52 -14.20
C ASP A 277 -22.09 -0.13 -14.51
N GLU A 278 -22.34 0.69 -13.49
CA GLU A 278 -22.80 2.06 -13.74
C GLU A 278 -21.67 2.92 -14.28
N MET A 279 -20.44 2.70 -13.81
CA MET A 279 -19.30 3.43 -14.37
C MET A 279 -19.17 3.15 -15.86
N ILE A 280 -19.21 1.87 -16.23
CA ILE A 280 -19.12 1.50 -17.64
C ILE A 280 -20.29 2.10 -18.41
N ARG A 281 -21.50 1.92 -17.89
CA ARG A 281 -22.71 2.35 -18.58
C ARG A 281 -22.77 3.86 -18.76
N GLN A 282 -22.17 4.62 -17.84
CA GLN A 282 -22.08 6.07 -17.96
C GLN A 282 -20.86 6.51 -18.78
N GLY A 283 -20.23 5.60 -19.52
CA GLY A 283 -19.09 5.96 -20.35
C GLY A 283 -17.91 6.54 -19.60
N TYR A 284 -17.64 6.05 -18.40
CA TYR A 284 -16.45 6.47 -17.68
C TYR A 284 -15.19 6.06 -18.41
N THR A 285 -14.18 6.91 -18.29
CA THR A 285 -12.85 6.67 -18.82
C THR A 285 -11.86 6.87 -17.70
N PRO A 286 -10.62 6.46 -17.89
CA PRO A 286 -9.59 6.76 -16.90
C PRO A 286 -9.48 8.24 -16.57
N ILE A 287 -9.49 9.11 -17.59
CA ILE A 287 -9.32 10.53 -17.33
C ILE A 287 -10.49 11.07 -16.52
N LYS A 288 -11.72 10.70 -16.90
CA LYS A 288 -12.87 11.07 -16.09
C LYS A 288 -12.65 10.67 -14.64
N MET A 289 -12.05 9.48 -14.40
CA MET A 289 -11.88 9.00 -13.04
C MET A 289 -10.93 9.89 -12.26
N PHE A 290 -9.82 10.31 -12.88
CA PHE A 290 -8.91 11.22 -12.19
C PHE A 290 -9.51 12.61 -12.03
N GLN A 291 -10.32 13.05 -12.99
CA GLN A 291 -11.01 14.33 -12.84
C GLN A 291 -11.90 14.33 -11.61
N MET A 292 -12.61 13.23 -11.37
CA MET A 292 -13.44 13.18 -10.18
C MET A 292 -12.63 13.16 -8.88
N GLY A 293 -11.45 12.54 -8.88
CA GLY A 293 -10.61 12.60 -7.70
C GLY A 293 -10.02 13.99 -7.49
N ASP A 294 -9.68 14.67 -8.58
CA ASP A 294 -9.29 16.07 -8.51
C ASP A 294 -10.41 16.92 -7.89
N ASP A 295 -11.65 16.70 -8.35
CA ASP A 295 -12.79 17.46 -7.83
C ASP A 295 -12.98 17.24 -6.33
N PHE A 296 -12.79 16.02 -5.84
CA PHE A 296 -12.97 15.78 -4.42
C PHE A 296 -11.96 16.60 -3.63
N PHE A 297 -10.70 16.59 -4.04
CA PHE A 297 -9.68 17.38 -3.34
C PHE A 297 -9.98 18.88 -3.41
N THR A 298 -10.42 19.37 -4.59
CA THR A 298 -10.75 20.80 -4.69
C THR A 298 -11.96 21.14 -3.81
N SER A 299 -12.96 20.25 -3.75
CA SER A 299 -14.07 20.46 -2.83
C SER A 299 -13.62 20.62 -1.39
N LEU A 300 -12.41 20.19 -1.05
CA LEU A 300 -11.88 20.34 0.31
C LEU A 300 -10.98 21.56 0.45
N ASN A 301 -11.03 22.50 -0.50
CA ASN A 301 -10.13 23.65 -0.50
C ASN A 301 -8.67 23.22 -0.49
N MET A 302 -8.36 22.18 -1.24
CA MET A 302 -7.01 21.65 -1.38
C MET A 302 -6.57 21.85 -2.82
N THR A 303 -5.28 21.62 -3.08
CA THR A 303 -4.68 22.07 -4.33
C THR A 303 -5.21 21.30 -5.52
N LYS A 304 -5.65 22.04 -6.55
CA LYS A 304 -6.01 21.46 -7.83
C LYS A 304 -4.78 20.91 -8.53
N LEU A 305 -4.97 19.86 -9.33
CA LEU A 305 -3.82 19.25 -10.01
C LEU A 305 -3.24 20.23 -11.01
N PRO A 306 -1.93 20.45 -11.01
CA PRO A 306 -1.32 21.32 -12.04
C PRO A 306 -1.37 20.68 -13.41
N GLN A 307 -1.19 21.53 -14.43
CA GLN A 307 -1.24 21.06 -15.81
C GLN A 307 -0.09 20.10 -16.11
N THR A 308 1.08 20.34 -15.51
CA THR A 308 2.19 19.39 -15.67
C THR A 308 1.73 17.95 -15.36
N PHE A 309 0.89 17.78 -14.34
CA PHE A 309 0.39 16.46 -14.02
C PHE A 309 -0.32 15.82 -15.20
N TRP A 310 -1.23 16.57 -15.86
CA TRP A 310 -1.97 16.02 -16.99
C TRP A 310 -1.08 15.81 -18.21
N ASP A 311 -0.06 16.65 -18.40
CA ASP A 311 0.77 16.53 -19.60
C ASP A 311 1.63 15.29 -19.56
N LYS A 312 2.27 15.03 -18.41
CA LYS A 312 3.34 14.06 -18.30
C LYS A 312 2.94 12.77 -17.59
N SER A 313 1.73 12.68 -17.01
CA SER A 313 1.29 11.46 -16.38
C SER A 313 0.93 10.39 -17.40
N ILE A 314 1.05 9.14 -16.97
CA ILE A 314 0.63 7.97 -17.74
C ILE A 314 -0.55 7.36 -17.00
N LEU A 315 -1.76 7.49 -17.57
CA LEU A 315 -2.99 7.10 -16.89
C LEU A 315 -3.73 5.94 -17.55
N GLU A 316 -3.20 5.41 -18.64
CA GLU A 316 -3.70 4.17 -19.24
C GLU A 316 -2.46 3.34 -19.57
N LYS A 317 -2.66 2.04 -19.77
CA LYS A 317 -1.57 1.21 -20.28
C LYS A 317 -1.27 1.60 -21.72
N PRO A 318 -0.01 1.95 -22.04
CA PRO A 318 0.33 2.22 -23.44
C PRO A 318 0.04 1.03 -24.33
N THR A 319 -0.25 1.32 -25.60
CA THR A 319 -0.67 0.32 -26.56
C THR A 319 0.44 -0.09 -27.52
N ASP A 320 1.69 0.32 -27.26
CA ASP A 320 2.77 0.17 -28.22
C ASP A 320 3.69 -0.99 -27.90
N GLY A 321 3.33 -1.85 -26.96
CA GLY A 321 4.08 -3.07 -26.73
C GLY A 321 5.37 -2.92 -25.96
N ARG A 322 5.69 -1.72 -25.51
CA ARG A 322 6.85 -1.53 -24.64
C ARG A 322 6.65 -2.26 -23.30
N ASP A 323 7.75 -2.60 -22.66
CA ASP A 323 7.70 -3.13 -21.31
C ASP A 323 7.71 -1.99 -20.31
N LEU A 324 7.01 -2.17 -19.20
CA LEU A 324 6.97 -1.13 -18.19
C LEU A 324 6.48 -1.74 -16.89
N VAL A 325 6.70 -0.99 -15.81
CA VAL A 325 6.10 -1.29 -14.51
C VAL A 325 4.68 -0.71 -14.53
N CYS A 326 3.68 -1.59 -14.55
CA CYS A 326 2.31 -1.15 -14.48
C CYS A 326 1.81 -0.96 -13.05
N HIS A 327 2.54 -1.45 -12.04
CA HIS A 327 2.09 -1.28 -10.67
C HIS A 327 1.92 0.21 -10.39
N ALA A 328 0.73 0.61 -9.97
CA ALA A 328 0.40 2.02 -9.89
C ALA A 328 1.33 2.76 -8.95
N SER A 329 1.76 3.95 -9.35
CA SER A 329 2.65 4.73 -8.50
C SER A 329 2.44 6.22 -8.69
N ALA A 330 2.93 6.98 -7.73
CA ALA A 330 2.81 8.43 -7.72
C ALA A 330 4.16 9.05 -7.42
N TRP A 331 4.59 10.01 -8.26
CA TRP A 331 5.98 10.46 -8.32
C TRP A 331 6.10 11.94 -8.02
N ASP A 332 7.09 12.28 -7.20
CA ASP A 332 7.45 13.64 -6.85
C ASP A 332 8.81 13.94 -7.45
N PHE A 333 8.88 14.95 -8.32
CA PHE A 333 10.12 15.27 -9.00
C PHE A 333 10.86 16.43 -8.36
N PHE A 334 10.44 16.84 -7.16
CA PHE A 334 11.24 17.73 -6.31
C PHE A 334 11.58 19.02 -7.05
N ALA A 335 10.62 19.52 -7.83
CA ALA A 335 10.69 20.84 -8.45
C ALA A 335 9.47 21.60 -7.94
N ILE A 336 8.73 22.25 -8.83
CA ILE A 336 7.46 22.86 -8.46
C ILE A 336 6.40 22.37 -9.42
N ASP A 337 5.34 21.75 -8.88
CA ASP A 337 4.18 21.29 -9.64
C ASP A 337 4.53 20.19 -10.63
N ASP A 338 5.73 19.63 -10.60
CA ASP A 338 6.01 18.47 -11.45
C ASP A 338 5.74 17.22 -10.61
N VAL A 339 4.53 16.70 -10.78
CA VAL A 339 4.04 15.55 -10.03
C VAL A 339 3.28 14.67 -11.01
N ARG A 340 3.46 13.35 -10.89
CA ARG A 340 2.93 12.48 -11.92
C ARG A 340 2.48 11.14 -11.34
N ILE A 341 1.47 10.58 -11.99
CA ILE A 341 0.99 9.24 -11.70
C ILE A 341 1.23 8.38 -12.92
N LYS A 342 1.67 7.15 -12.69
CA LYS A 342 1.79 6.14 -13.72
C LYS A 342 0.88 5.00 -13.27
N GLN A 343 -0.23 4.81 -13.98
CA GLN A 343 -1.23 3.83 -13.60
C GLN A 343 -1.83 3.23 -14.86
N CYS A 344 -1.88 1.91 -14.90
CA CYS A 344 -2.52 1.21 -16.02
C CYS A 344 -4.00 1.03 -15.71
N THR A 345 -4.64 2.19 -15.58
CA THR A 345 -6.03 2.31 -15.14
C THR A 345 -7.01 1.52 -16.00
N ARG A 346 -7.95 0.86 -15.32
CA ARG A 346 -9.09 0.21 -15.94
C ARG A 346 -10.37 0.76 -15.31
N VAL A 347 -11.49 0.60 -16.00
CA VAL A 347 -12.74 1.25 -15.61
C VAL A 347 -13.49 0.25 -14.74
N ASN A 348 -13.24 0.31 -13.44
CA ASN A 348 -14.02 -0.44 -12.45
C ASN A 348 -13.86 0.24 -11.10
N MET A 349 -14.65 -0.23 -10.13
CA MET A 349 -14.68 0.43 -8.82
C MET A 349 -13.37 0.26 -8.08
N ARG A 350 -12.82 -0.95 -8.07
CA ARG A 350 -11.52 -1.18 -7.44
C ARG A 350 -10.50 -0.15 -7.91
N GLU A 351 -10.34 0.01 -9.22
CA GLU A 351 -9.39 0.96 -9.77
C GLU A 351 -9.76 2.40 -9.41
N PHE A 352 -11.05 2.71 -9.32
CA PHE A 352 -11.47 4.03 -8.86
C PHE A 352 -10.87 4.37 -7.51
N PHE A 353 -10.82 3.39 -6.57
CA PHE A 353 -10.18 3.63 -5.27
C PHE A 353 -8.67 3.75 -5.40
N VAL A 354 -8.05 2.94 -6.26
CA VAL A 354 -6.61 3.13 -6.50
C VAL A 354 -6.34 4.55 -6.97
N VAL A 355 -7.18 5.06 -7.88
CA VAL A 355 -7.03 6.44 -8.35
C VAL A 355 -6.91 7.39 -7.16
N HIS A 356 -7.84 7.29 -6.22
CA HIS A 356 -7.81 8.15 -5.04
C HIS A 356 -6.57 7.90 -4.19
N HIS A 357 -6.20 6.64 -3.97
CA HIS A 357 -4.98 6.36 -3.21
C HIS A 357 -3.80 7.13 -3.79
N GLU A 358 -3.62 7.01 -5.11
CA GLU A 358 -2.49 7.67 -5.77
C GLU A 358 -2.62 9.19 -5.74
N LEU A 359 -3.82 9.73 -5.96
CA LEU A 359 -3.99 11.17 -5.94
C LEU A 359 -3.75 11.72 -4.55
N GLY A 360 -3.90 10.89 -3.52
CA GLY A 360 -3.55 11.32 -2.18
C GLY A 360 -2.06 11.52 -2.01
N HIS A 361 -1.26 10.63 -2.62
CA HIS A 361 0.19 10.84 -2.70
C HIS A 361 0.49 12.18 -3.39
N ILE A 362 -0.11 12.41 -4.57
CA ILE A 362 0.13 13.64 -5.31
C ILE A 362 -0.20 14.86 -4.45
N GLN A 363 -1.39 14.87 -3.84
CA GLN A 363 -1.79 15.99 -3.02
C GLN A 363 -0.79 16.23 -1.90
N TYR A 364 -0.27 15.16 -1.30
CA TYR A 364 0.72 15.34 -0.25
C TYR A 364 1.95 16.03 -0.82
N TYR A 365 2.44 15.54 -1.96
CA TYR A 365 3.54 16.20 -2.66
C TYR A 365 3.26 17.70 -2.80
N LEU A 366 2.08 18.06 -3.32
CA LEU A 366 1.76 19.46 -3.57
C LEU A 366 1.73 20.26 -2.28
N GLN A 367 1.29 19.65 -1.18
CA GLN A 367 1.13 20.39 0.07
C GLN A 367 2.46 20.70 0.75
N TYR A 368 3.49 19.89 0.55
CA TYR A 368 4.75 20.14 1.22
C TYR A 368 5.90 20.51 0.27
N GLN A 369 5.60 20.78 -1.00
CA GLN A 369 6.66 21.07 -1.95
C GLN A 369 7.40 22.37 -1.68
N HIS A 370 6.84 23.25 -0.82
CA HIS A 370 7.54 24.46 -0.40
C HIS A 370 8.58 24.20 0.67
N GLN A 371 8.67 22.99 1.20
CA GLN A 371 9.64 22.70 2.25
C GLN A 371 11.01 22.41 1.66
N PRO A 372 12.06 22.45 2.49
CA PRO A 372 13.35 21.94 2.04
C PRO A 372 13.27 20.47 1.67
N VAL A 373 14.20 20.04 0.81
CA VAL A 373 14.08 18.74 0.16
C VAL A 373 13.99 17.62 1.20
N GLU A 374 14.78 17.68 2.27
CA GLU A 374 14.79 16.60 3.24
C GLU A 374 13.56 16.58 4.14
N PHE A 375 12.68 17.56 4.04
CA PHE A 375 11.37 17.50 4.71
C PHE A 375 10.25 17.17 3.74
N ARG A 376 10.56 16.99 2.46
CA ARG A 376 9.54 16.67 1.46
C ARG A 376 9.28 15.16 1.46
N GLY A 377 8.64 14.71 2.54
CA GLY A 377 8.16 13.35 2.69
C GLY A 377 7.03 13.31 3.71
N GLY A 378 6.49 12.11 3.92
CA GLY A 378 5.47 11.94 4.94
C GLY A 378 6.01 12.12 6.35
N ALA A 379 5.12 12.45 7.28
CA ALA A 379 5.50 12.47 8.69
C ALA A 379 6.08 11.12 9.12
N ASN A 380 5.45 10.02 8.70
CA ASN A 380 6.11 8.71 8.61
C ASN A 380 5.51 8.02 7.37
N PRO A 381 6.06 6.89 6.93
CA PRO A 381 5.59 6.30 5.66
C PRO A 381 4.12 5.95 5.66
N GLY A 382 3.50 5.76 6.82
CA GLY A 382 2.08 5.48 6.85
C GLY A 382 1.20 6.68 6.60
N PHE A 383 1.65 7.86 6.97
CA PHE A 383 0.89 9.06 6.62
C PHE A 383 0.71 9.16 5.10
N HIS A 384 1.76 8.89 4.33
CA HIS A 384 1.66 9.02 2.89
C HIS A 384 0.64 8.06 2.30
N GLU A 385 0.62 6.81 2.79
CA GLU A 385 -0.33 5.82 2.28
C GLU A 385 -1.74 6.09 2.76
N ALA A 386 -1.91 6.81 3.86
CA ALA A 386 -3.24 7.03 4.42
C ALA A 386 -4.06 8.08 3.68
N VAL A 387 -3.42 9.04 3.01
CA VAL A 387 -4.12 10.26 2.61
C VAL A 387 -5.26 9.92 1.64
N GLY A 388 -4.94 9.29 0.52
CA GLY A 388 -5.97 8.97 -0.45
C GLY A 388 -7.00 7.99 0.08
N ASP A 389 -6.58 7.07 0.96
CA ASP A 389 -7.52 6.10 1.51
C ASP A 389 -8.57 6.78 2.37
N VAL A 390 -8.23 7.88 3.04
CA VAL A 390 -9.24 8.63 3.79
C VAL A 390 -10.33 9.13 2.86
N LEU A 391 -9.94 9.68 1.71
CA LEU A 391 -10.96 10.05 0.73
C LEU A 391 -11.76 8.84 0.30
N SER A 392 -11.07 7.72 0.03
CA SER A 392 -11.77 6.53 -0.44
C SER A 392 -12.80 6.04 0.57
N LEU A 393 -12.55 6.25 1.87
CA LEU A 393 -13.56 5.91 2.87
C LEU A 393 -14.85 6.71 2.66
N SER A 394 -14.75 8.01 2.34
CA SER A 394 -15.94 8.79 2.07
C SER A 394 -16.57 8.38 0.74
N VAL A 395 -15.75 8.19 -0.30
CA VAL A 395 -16.25 7.86 -1.61
C VAL A 395 -17.02 6.54 -1.59
N SER A 396 -16.68 5.65 -0.67
CA SER A 396 -17.28 4.33 -0.67
C SER A 396 -18.68 4.33 -0.10
N THR A 397 -19.07 5.36 0.64
CA THR A 397 -20.38 5.36 1.27
C THR A 397 -21.49 5.40 0.23
N PRO A 398 -22.62 4.74 0.52
CA PRO A 398 -23.81 4.94 -0.32
C PRO A 398 -24.18 6.40 -0.51
N LYS A 399 -24.07 7.21 0.54
CA LYS A 399 -24.35 8.64 0.44
C LYS A 399 -23.62 9.27 -0.74
N HIS A 400 -22.29 9.15 -0.77
CA HIS A 400 -21.51 9.81 -1.80
C HIS A 400 -21.79 9.23 -3.18
N LEU A 401 -21.86 7.91 -3.29
CA LEU A 401 -22.09 7.30 -4.59
C LEU A 401 -23.45 7.71 -5.16
N LYS A 402 -24.41 8.00 -4.28
CA LYS A 402 -25.70 8.51 -4.76
C LYS A 402 -25.55 9.95 -5.25
N LYS A 403 -24.86 10.80 -4.48
CA LYS A 403 -24.58 12.16 -4.93
C LYS A 403 -24.06 12.19 -6.36
N VAL A 404 -22.96 11.46 -6.63
CA VAL A 404 -22.31 11.49 -7.93
C VAL A 404 -23.00 10.60 -8.93
N GLY A 405 -24.12 10.01 -8.57
CA GLY A 405 -24.92 9.31 -9.54
C GLY A 405 -24.48 7.91 -9.88
N LEU A 406 -23.54 7.34 -9.11
CA LEU A 406 -23.06 6.01 -9.42
C LEU A 406 -23.89 4.91 -8.78
N LEU A 407 -24.78 5.27 -7.86
CA LEU A 407 -25.63 4.31 -7.17
C LEU A 407 -27.06 4.79 -7.30
N LYS A 408 -27.90 3.98 -7.92
CA LYS A 408 -29.32 4.31 -8.05
C LYS A 408 -29.98 4.23 -6.68
N ASP A 409 -31.09 4.96 -6.54
CA ASP A 409 -31.74 4.99 -5.24
C ASP A 409 -32.36 3.63 -4.94
N TYR A 410 -32.56 3.39 -3.65
CA TYR A 410 -33.04 2.08 -3.19
C TYR A 410 -33.58 2.26 -1.78
N GLU A 411 -34.44 1.34 -1.39
CA GLU A 411 -34.93 1.32 -0.02
C GLU A 411 -33.83 0.80 0.91
N GLU A 412 -33.46 1.59 1.91
CA GLU A 412 -32.45 1.17 2.86
C GLU A 412 -33.08 0.39 4.00
N ASP A 413 -32.47 -0.72 4.36
CA ASP A 413 -32.87 -1.49 5.52
C ASP A 413 -31.62 -2.06 6.16
N GLU A 414 -31.82 -2.80 7.25
CA GLU A 414 -30.68 -3.32 7.97
C GLU A 414 -29.86 -4.29 7.12
N GLN A 415 -30.47 -4.99 6.16
CA GLN A 415 -29.71 -5.96 5.37
C GLN A 415 -28.83 -5.28 4.34
N VAL A 416 -29.32 -4.21 3.73
CA VAL A 416 -28.47 -3.40 2.89
C VAL A 416 -27.28 -2.90 3.70
N LYS A 417 -27.51 -2.54 4.95
CA LYS A 417 -26.39 -2.06 5.76
C LYS A 417 -25.39 -3.18 6.06
N ILE A 418 -25.85 -4.42 6.24
CA ILE A 418 -24.92 -5.54 6.43
C ILE A 418 -24.11 -5.78 5.15
N ASN A 419 -24.77 -5.82 3.98
CA ASN A 419 -24.03 -5.95 2.73
C ASN A 419 -22.94 -4.89 2.62
N GLN A 420 -23.25 -3.67 3.07
CA GLN A 420 -22.29 -2.57 3.03
C GLN A 420 -21.14 -2.80 4.00
N PHE A 421 -21.45 -3.09 5.27
CA PHE A 421 -20.40 -3.39 6.25
C PHE A 421 -19.55 -4.56 5.80
N TYR A 422 -20.19 -5.59 5.23
CA TYR A 422 -19.47 -6.77 4.78
C TYR A 422 -18.46 -6.41 3.69
N ARG A 423 -18.94 -5.74 2.64
CA ARG A 423 -18.02 -5.31 1.60
C ARG A 423 -16.83 -4.56 2.20
N ALA A 424 -17.10 -3.61 3.10
CA ALA A 424 -15.97 -2.88 3.69
C ALA A 424 -15.00 -3.84 4.40
N GLY A 425 -15.53 -4.80 5.16
CA GLY A 425 -14.66 -5.73 5.87
C GLY A 425 -13.76 -6.53 4.94
N VAL A 426 -14.33 -7.05 3.84
CA VAL A 426 -13.53 -7.90 2.99
C VAL A 426 -12.61 -7.08 2.11
N THR A 427 -12.87 -5.78 1.99
CA THR A 427 -12.02 -4.88 1.22
C THR A 427 -10.83 -4.43 2.04
N LYS A 428 -11.08 -4.03 3.29
CA LYS A 428 -10.08 -3.35 4.11
C LYS A 428 -9.65 -4.12 5.35
N LEU A 429 -10.56 -4.75 6.08
CA LEU A 429 -10.11 -5.34 7.33
C LEU A 429 -9.15 -6.49 7.09
N VAL A 430 -9.40 -7.33 6.08
CA VAL A 430 -8.56 -8.50 5.86
C VAL A 430 -7.14 -8.13 5.47
N PHE A 431 -6.90 -6.90 5.05
CA PHE A 431 -5.58 -6.50 4.55
C PHE A 431 -4.57 -6.34 5.69
N LEU A 432 -5.02 -6.00 6.88
CA LEU A 432 -4.07 -5.75 7.97
C LEU A 432 -3.24 -6.96 8.32
N PRO A 433 -3.80 -8.14 8.57
CA PRO A 433 -2.94 -9.32 8.76
C PRO A 433 -2.02 -9.58 7.60
N PHE A 434 -2.49 -9.38 6.37
CA PHE A 434 -1.60 -9.54 5.22
C PHE A 434 -0.42 -8.60 5.32
N ALA A 435 -0.68 -7.29 5.46
CA ALA A 435 0.39 -6.31 5.47
C ALA A 435 1.38 -6.61 6.60
N TYR A 436 0.87 -7.01 7.77
CA TYR A 436 1.72 -7.39 8.89
C TYR A 436 2.69 -8.51 8.52
N THR A 437 2.20 -9.56 7.87
CA THR A 437 3.04 -10.72 7.61
C THR A 437 4.16 -10.40 6.62
N LEU A 438 3.96 -9.45 5.73
CA LEU A 438 4.99 -9.19 4.72
C LEU A 438 6.27 -8.62 5.35
N ASP A 439 6.14 -7.67 6.27
CA ASP A 439 7.34 -7.15 6.89
C ASP A 439 7.79 -7.99 8.09
N LYS A 440 6.86 -8.63 8.80
CA LYS A 440 7.33 -9.56 9.82
C LYS A 440 8.22 -10.61 9.17
N TYR A 441 7.82 -11.11 8.00
CA TYR A 441 8.66 -12.04 7.27
C TYR A 441 9.98 -11.39 6.86
N ARG A 442 9.92 -10.20 6.27
CA ARG A 442 11.15 -9.61 5.77
C ARG A 442 12.06 -9.19 6.92
N TRP A 443 11.51 -8.69 8.02
CA TRP A 443 12.34 -8.43 9.19
C TRP A 443 13.09 -9.69 9.60
N GLY A 444 12.41 -10.85 9.54
CA GLY A 444 13.03 -12.08 9.95
C GLY A 444 14.18 -12.50 9.05
N VAL A 445 14.02 -12.31 7.74
CA VAL A 445 15.12 -12.56 6.82
C VAL A 445 16.27 -11.61 7.10
N PHE A 446 15.95 -10.32 7.27
CA PHE A 446 16.97 -9.31 7.50
C PHE A 446 17.74 -9.58 8.78
N ARG A 447 17.04 -10.01 9.84
CA ARG A 447 17.66 -10.23 11.13
C ARG A 447 18.37 -11.58 11.25
N GLY A 448 18.20 -12.47 10.26
CA GLY A 448 18.77 -13.80 10.34
C GLY A 448 17.90 -14.85 11.00
N ASP A 449 16.78 -14.45 11.60
CA ASP A 449 15.86 -15.41 12.21
C ASP A 449 15.30 -16.40 11.20
N ILE A 450 15.19 -16.01 9.93
CA ILE A 450 14.69 -16.87 8.87
C ILE A 450 15.82 -17.11 7.87
N LYS A 451 16.26 -18.35 7.77
CA LYS A 451 17.48 -18.62 7.01
C LYS A 451 17.13 -19.04 5.58
N PRO A 452 18.09 -18.97 4.67
CA PRO A 452 17.78 -19.25 3.25
C PRO A 452 17.18 -20.62 2.98
N ARG A 453 17.52 -21.65 3.73
CA ARG A 453 16.99 -22.97 3.38
C ARG A 453 15.57 -23.17 3.91
N GLU A 454 15.02 -22.21 4.65
CA GLU A 454 13.62 -22.25 5.07
C GLU A 454 12.84 -21.04 4.57
N TYR A 455 13.33 -20.37 3.53
CA TYR A 455 12.69 -19.13 3.07
C TYR A 455 11.22 -19.33 2.71
N ASN A 456 10.91 -20.40 1.98
CA ASN A 456 9.56 -20.49 1.45
C ASN A 456 8.58 -20.99 2.49
N CYS A 457 8.94 -22.02 3.27
CA CYS A 457 7.95 -22.54 4.21
C CYS A 457 7.74 -21.62 5.42
N LYS A 458 8.74 -20.83 5.83
CA LYS A 458 8.47 -19.84 6.86
C LYS A 458 7.59 -18.70 6.33
N PHE A 459 7.66 -18.40 5.04
CA PHE A 459 6.72 -17.45 4.44
C PHE A 459 5.29 -17.98 4.53
N TRP A 460 5.04 -19.13 3.92
CA TRP A 460 3.68 -19.66 3.89
C TRP A 460 3.18 -20.04 5.28
N GLU A 461 4.10 -20.38 6.19
CA GLU A 461 3.68 -20.67 7.56
C GLU A 461 3.17 -19.41 8.23
N MET A 462 3.85 -18.28 8.04
CA MET A 462 3.36 -17.02 8.61
C MET A 462 2.06 -16.58 7.95
N ARG A 463 1.95 -16.70 6.62
CA ARG A 463 0.69 -16.33 5.98
C ARG A 463 -0.47 -17.16 6.54
N SER A 464 -0.24 -18.45 6.79
CA SER A 464 -1.28 -19.28 7.36
C SER A 464 -1.61 -18.83 8.78
N ARG A 465 -0.58 -18.56 9.59
CA ARG A 465 -0.84 -18.23 10.99
C ARG A 465 -1.69 -16.97 11.13
N TYR A 466 -1.35 -15.92 10.39
CA TYR A 466 -2.03 -14.67 10.60
C TYR A 466 -3.19 -14.41 9.65
N SER A 467 -3.22 -15.03 8.46
CA SER A 467 -4.31 -14.78 7.53
C SER A 467 -5.18 -16.00 7.28
N GLY A 468 -4.71 -17.18 7.63
CA GLY A 468 -5.53 -18.36 7.42
C GLY A 468 -5.83 -18.64 5.98
N VAL A 469 -4.85 -18.42 5.09
CA VAL A 469 -4.96 -18.75 3.67
C VAL A 469 -3.73 -19.54 3.27
N GLU A 470 -3.84 -20.28 2.17
CA GLU A 470 -2.78 -21.18 1.76
C GLU A 470 -2.76 -21.30 0.24
N PRO A 471 -1.61 -21.68 -0.34
CA PRO A 471 -1.53 -21.95 -1.76
C PRO A 471 -2.52 -23.02 -2.20
N PRO A 472 -2.88 -23.01 -3.49
CA PRO A 472 -3.79 -24.03 -4.01
C PRO A 472 -3.12 -25.36 -4.31
N VAL A 473 -1.79 -25.43 -4.30
CA VAL A 473 -1.04 -26.65 -4.57
C VAL A 473 0.08 -26.70 -3.53
N VAL A 474 0.70 -27.87 -3.40
CA VAL A 474 1.82 -28.03 -2.50
C VAL A 474 3.02 -27.25 -3.05
N ARG A 475 3.64 -26.45 -2.19
CA ARG A 475 4.91 -25.77 -2.50
C ARG A 475 6.05 -26.44 -1.72
N THR A 476 7.28 -26.17 -2.16
CA THR A 476 8.48 -26.71 -1.52
C THR A 476 9.53 -25.61 -1.41
N GLU A 477 10.69 -25.95 -0.82
CA GLU A 477 11.79 -25.01 -0.78
C GLU A 477 12.43 -24.82 -2.16
N GLN A 478 12.11 -25.65 -3.15
CA GLN A 478 12.56 -25.36 -4.51
C GLN A 478 11.77 -24.20 -5.11
N ASP A 479 10.54 -23.97 -4.64
CA ASP A 479 9.83 -22.74 -4.93
C ASP A 479 10.37 -21.63 -4.06
N PHE A 480 10.15 -20.38 -4.48
CA PHE A 480 10.50 -19.25 -3.60
C PHE A 480 9.53 -18.10 -3.92
N ASP A 481 8.48 -18.02 -3.14
CA ASP A 481 7.27 -17.32 -3.55
C ASP A 481 7.15 -15.85 -3.13
N PRO A 482 7.89 -15.37 -2.13
CA PRO A 482 7.74 -13.96 -1.70
C PRO A 482 7.90 -12.95 -2.82
N PRO A 483 8.83 -13.14 -3.76
CA PRO A 483 9.03 -12.10 -4.79
C PRO A 483 7.87 -11.99 -5.79
N ALA A 484 6.92 -12.92 -5.77
CA ALA A 484 5.71 -12.83 -6.57
C ALA A 484 4.83 -11.65 -6.18
N LYS A 485 5.22 -10.92 -5.15
CA LYS A 485 4.50 -9.72 -4.71
C LYS A 485 5.36 -8.51 -5.04
N TYR A 486 4.76 -7.51 -5.69
CA TYR A 486 5.51 -6.40 -6.27
C TYR A 486 6.51 -5.84 -5.27
N HIS A 487 6.03 -5.47 -4.09
CA HIS A 487 6.86 -4.72 -3.14
C HIS A 487 8.06 -5.52 -2.65
N VAL A 488 8.02 -6.84 -2.77
CA VAL A 488 9.18 -7.64 -2.40
C VAL A 488 10.23 -7.57 -3.50
N SER A 489 9.81 -7.81 -4.76
CA SER A 489 10.72 -7.69 -5.89
C SER A 489 11.28 -6.27 -6.05
N ALA A 490 10.55 -5.24 -5.63
CA ALA A 490 10.98 -3.85 -5.79
C ALA A 490 11.55 -3.24 -4.51
N ASP A 491 11.70 -4.02 -3.44
CA ASP A 491 12.29 -3.52 -2.21
C ASP A 491 11.58 -2.26 -1.71
N VAL A 492 10.27 -2.35 -1.62
CA VAL A 492 9.45 -1.29 -1.03
C VAL A 492 8.96 -1.80 0.31
N GLU A 493 9.33 -1.10 1.38
CA GLU A 493 8.82 -1.38 2.72
C GLU A 493 7.29 -1.48 2.69
N TYR A 494 6.73 -2.44 3.45
CA TYR A 494 5.29 -2.66 3.41
C TYR A 494 4.56 -2.30 4.69
N LEU A 495 5.28 -2.12 5.80
CA LEU A 495 4.60 -1.73 7.04
C LEU A 495 3.89 -0.38 6.89
N ARG A 496 4.35 0.47 5.97
CA ARG A 496 3.61 1.70 5.67
C ARG A 496 2.12 1.45 5.48
N TYR A 497 1.76 0.32 4.84
CA TYR A 497 0.34 0.09 4.54
C TYR A 497 -0.39 -0.41 5.77
N PHE A 498 0.26 -1.20 6.62
CA PHE A 498 -0.34 -1.56 7.90
C PHE A 498 -0.65 -0.32 8.73
N VAL A 499 0.34 0.57 8.88
CA VAL A 499 0.14 1.79 9.65
C VAL A 499 -0.98 2.61 9.03
N SER A 500 -0.95 2.78 7.71
CA SER A 500 -2.02 3.50 7.03
C SER A 500 -3.39 2.94 7.35
N TYR A 501 -3.55 1.62 7.30
CA TYR A 501 -4.88 1.03 7.49
C TYR A 501 -5.38 1.21 8.92
N VAL A 502 -4.49 1.40 9.88
CA VAL A 502 -4.92 1.80 11.23
C VAL A 502 -5.22 3.30 11.28
N ILE A 503 -4.23 4.14 10.98
CA ILE A 503 -4.39 5.57 11.26
C ILE A 503 -5.39 6.21 10.32
N GLN A 504 -5.58 5.66 9.12
CA GLN A 504 -6.55 6.30 8.24
C GLN A 504 -7.93 6.37 8.87
N PHE A 505 -8.25 5.45 9.80
CA PHE A 505 -9.56 5.55 10.44
C PHE A 505 -9.55 6.60 11.54
N GLN A 506 -8.39 6.85 12.15
CA GLN A 506 -8.24 8.00 13.05
C GLN A 506 -8.41 9.31 12.29
N PHE A 507 -7.78 9.42 11.11
CA PHE A 507 -7.92 10.61 10.28
C PHE A 507 -9.37 10.77 9.81
N HIS A 508 -9.97 9.68 9.32
CA HIS A 508 -11.36 9.74 8.87
C HIS A 508 -12.30 10.19 9.98
N ARG A 509 -12.11 9.68 11.19
CA ARG A 509 -12.97 10.05 12.30
C ARG A 509 -12.85 11.54 12.59
N ALA A 510 -11.62 12.06 12.61
CA ALA A 510 -11.41 13.47 12.87
C ALA A 510 -12.02 14.33 11.76
N ALA A 511 -11.89 13.91 10.51
CA ALA A 511 -12.41 14.72 9.42
C ALA A 511 -13.93 14.72 9.40
N CYS A 512 -14.55 13.56 9.70
CA CYS A 512 -16.00 13.51 9.78
C CYS A 512 -16.50 14.37 10.93
N ALA A 513 -15.83 14.34 12.07
CA ALA A 513 -16.19 15.22 13.18
C ALA A 513 -16.21 16.68 12.72
N LEU A 514 -15.11 17.14 12.12
CA LEU A 514 -15.02 18.51 11.61
C LEU A 514 -16.10 18.82 10.58
N ALA A 515 -16.51 17.84 9.78
CA ALA A 515 -17.57 18.08 8.79
C ALA A 515 -18.97 17.97 9.38
N GLY A 516 -19.10 17.78 10.69
CA GLY A 516 -20.43 17.54 11.25
C GLY A 516 -21.07 16.26 10.78
N GLU A 517 -20.27 15.25 10.43
CA GLU A 517 -20.77 13.99 9.90
C GLU A 517 -20.67 12.84 10.90
N TYR A 518 -20.00 13.03 12.03
CA TYR A 518 -19.80 11.94 12.97
C TYR A 518 -20.05 12.40 14.41
N VAL A 519 -20.99 11.74 15.07
CA VAL A 519 -21.17 11.86 16.51
C VAL A 519 -21.14 10.46 17.12
N LYS A 520 -20.30 10.27 18.13
CA LYS A 520 -20.22 8.98 18.79
C LYS A 520 -21.58 8.60 19.36
N GLY A 521 -22.00 7.36 19.10
CA GLY A 521 -23.28 6.87 19.57
C GLY A 521 -24.47 7.26 18.73
N ASP A 522 -24.32 8.22 17.83
CA ASP A 522 -25.45 8.66 17.03
C ASP A 522 -25.67 7.69 15.87
N PRO A 523 -26.84 7.05 15.79
CA PRO A 523 -27.09 6.15 14.64
C PRO A 523 -27.16 6.84 13.29
N GLU A 524 -27.49 8.13 13.21
CA GLU A 524 -27.55 8.80 11.93
C GLU A 524 -26.22 9.43 11.50
N LYS A 525 -25.19 9.37 12.35
CA LYS A 525 -23.92 10.01 12.06
C LYS A 525 -22.75 9.11 12.45
N THR A 526 -22.67 7.94 11.81
CA THR A 526 -21.66 6.96 12.10
C THR A 526 -20.43 7.17 11.22
N LEU A 527 -19.34 6.51 11.62
CA LEU A 527 -18.17 6.48 10.76
C LEU A 527 -18.45 5.80 9.44
N ASN A 528 -19.47 4.93 9.39
CA ASN A 528 -19.74 4.13 8.20
C ASN A 528 -20.54 4.86 7.14
N ASN A 529 -21.22 5.95 7.49
N ASN A 529 -21.21 5.96 7.47
CA ASN A 529 -22.01 6.70 6.52
CA ASN A 529 -21.98 6.69 6.48
C ASN A 529 -21.56 8.15 6.36
C ASN A 529 -21.57 8.16 6.37
N CYS A 530 -20.37 8.50 6.85
CA CYS A 530 -19.86 9.87 6.76
C CYS A 530 -19.26 10.15 5.39
N ASP A 531 -19.62 11.31 4.82
CA ASP A 531 -19.02 11.81 3.58
C ASP A 531 -18.47 13.21 3.84
N ILE A 532 -17.15 13.37 3.69
CA ILE A 532 -16.54 14.68 3.93
C ILE A 532 -16.42 15.49 2.65
N TYR A 533 -17.07 15.02 1.58
CA TYR A 533 -17.13 15.79 0.35
C TYR A 533 -17.70 17.20 0.59
N GLN A 534 -16.94 18.21 0.15
CA GLN A 534 -17.29 19.63 0.22
C GLN A 534 -17.19 20.20 1.61
N SER A 535 -16.38 19.59 2.48
CA SER A 535 -16.19 20.11 3.84
C SER A 535 -14.84 20.81 3.90
N THR A 536 -14.83 22.10 3.55
CA THR A 536 -13.63 22.91 3.67
C THR A 536 -13.12 22.95 5.12
N ALA A 537 -14.01 22.78 6.10
CA ALA A 537 -13.55 22.72 7.49
C ALA A 537 -12.63 21.51 7.70
N ALA A 538 -12.95 20.39 7.07
CA ALA A 538 -12.07 19.23 7.19
C ALA A 538 -10.82 19.38 6.32
N GLY A 539 -10.97 19.87 5.10
CA GLY A 539 -9.82 20.10 4.24
C GLY A 539 -8.79 21.00 4.88
N ASN A 540 -9.23 22.03 5.59
CA ASN A 540 -8.29 22.99 6.14
C ASN A 540 -7.41 22.34 7.19
N GLN A 541 -8.00 21.54 8.09
CA GLN A 541 -7.18 20.86 9.09
C GLN A 541 -6.29 19.80 8.44
N LEU A 542 -6.77 19.15 7.39
CA LEU A 542 -5.94 18.17 6.70
C LEU A 542 -4.77 18.83 6.00
N LYS A 543 -5.02 19.90 5.21
CA LYS A 543 -3.96 20.70 4.61
C LYS A 543 -2.84 21.01 5.59
N GLU A 544 -3.21 21.50 6.78
CA GLU A 544 -2.22 21.88 7.77
C GLU A 544 -1.32 20.72 8.12
N MET A 545 -1.88 19.53 8.36
CA MET A 545 -1.06 18.39 8.70
C MET A 545 -0.10 18.05 7.55
N LEU A 546 -0.62 17.98 6.33
CA LEU A 546 0.20 17.59 5.19
C LEU A 546 1.26 18.63 4.86
N ALA A 547 0.98 19.93 5.07
CA ALA A 547 1.96 20.96 4.75
C ALA A 547 3.22 20.78 5.59
N LEU A 548 3.12 20.13 6.74
CA LEU A 548 4.30 19.90 7.58
C LEU A 548 5.33 19.01 6.91
N GLY A 549 4.92 18.18 5.95
CA GLY A 549 5.84 17.18 5.43
C GLY A 549 6.45 16.40 6.59
N SER A 550 7.76 16.32 6.58
CA SER A 550 8.53 15.60 7.56
C SER A 550 9.18 16.52 8.60
N SER A 551 8.77 17.79 8.64
CA SER A 551 9.48 18.78 9.42
C SER A 551 9.29 18.60 10.91
N LYS A 552 8.21 17.95 11.32
CA LYS A 552 8.00 17.64 12.74
C LYS A 552 7.90 16.13 12.96
N PRO A 553 8.25 15.68 14.17
CA PRO A 553 7.95 14.28 14.55
C PRO A 553 6.48 13.97 14.32
N TRP A 554 6.20 12.73 13.91
CA TRP A 554 4.89 12.45 13.36
C TRP A 554 3.78 12.54 14.41
N PRO A 555 4.06 12.35 15.70
CA PRO A 555 2.97 12.58 16.67
C PRO A 555 2.43 14.00 16.62
N ASP A 556 3.30 14.99 16.41
CA ASP A 556 2.82 16.37 16.29
C ASP A 556 2.01 16.57 15.03
N ALA A 557 2.43 15.96 13.93
CA ALA A 557 1.63 16.06 12.71
C ALA A 557 0.24 15.45 12.93
N MET A 558 0.17 14.29 13.60
CA MET A 558 -1.13 13.67 13.84
C MET A 558 -2.01 14.55 14.72
N GLU A 559 -1.46 15.01 15.84
CA GLU A 559 -2.23 15.87 16.74
C GLU A 559 -2.88 17.03 16.00
N VAL A 560 -2.23 17.55 14.95
CA VAL A 560 -2.77 18.68 14.22
C VAL A 560 -4.17 18.38 13.72
N LEU A 561 -4.40 17.15 13.28
CA LEU A 561 -5.69 16.78 12.72
C LEU A 561 -6.61 16.09 13.72
N THR A 562 -6.05 15.33 14.67
CA THR A 562 -6.84 14.47 15.51
C THR A 562 -6.87 14.85 16.98
N GLY A 563 -5.98 15.75 17.42
CA GLY A 563 -5.84 15.99 18.84
C GLY A 563 -5.24 14.85 19.62
N GLU A 564 -4.92 13.75 18.96
CA GLU A 564 -4.26 12.63 19.58
C GLU A 564 -2.86 12.54 19.02
N ARG A 565 -1.99 11.89 19.78
CA ARG A 565 -0.57 11.80 19.43
C ARG A 565 -0.11 10.36 19.27
N LYS A 566 -1.03 9.39 19.21
CA LYS A 566 -0.62 8.00 19.04
C LYS A 566 -1.51 7.27 18.04
N MET A 567 -0.89 6.32 17.34
CA MET A 567 -1.65 5.35 16.57
C MET A 567 -2.48 4.49 17.51
N SER A 568 -3.75 4.32 17.16
CA SER A 568 -4.67 3.56 17.99
C SER A 568 -5.67 2.86 17.10
N ALA A 569 -5.95 1.60 17.43
CA ALA A 569 -6.95 0.81 16.72
C ALA A 569 -8.38 1.11 17.16
N ASP A 570 -8.59 2.07 18.06
N ASP A 570 -8.57 2.07 18.07
CA ASP A 570 -9.95 2.33 18.53
CA ASP A 570 -9.90 2.41 18.55
C ASP A 570 -10.85 2.75 17.37
C ASP A 570 -10.83 2.74 17.38
N ALA A 571 -10.36 3.61 16.48
CA ALA A 571 -11.19 4.09 15.38
C ALA A 571 -11.63 2.95 14.48
N ILE A 572 -10.70 2.10 14.08
CA ILE A 572 -11.03 1.03 13.12
C ILE A 572 -11.87 -0.05 13.79
N LEU A 573 -11.66 -0.34 15.08
CA LEU A 573 -12.56 -1.27 15.76
C LEU A 573 -13.97 -0.70 15.88
N GLU A 574 -14.11 0.62 16.07
CA GLU A 574 -15.44 1.22 16.08
C GLU A 574 -16.08 1.11 14.70
N TYR A 575 -15.30 1.36 13.65
CA TYR A 575 -15.84 1.33 12.29
C TYR A 575 -16.46 -0.01 11.98
N PHE A 576 -15.77 -1.09 12.36
CA PHE A 576 -16.21 -2.45 12.10
C PHE A 576 -16.94 -3.10 13.27
N ASP A 577 -17.38 -2.33 14.26
CA ASP A 577 -18.06 -3.05 15.36
C ASP A 577 -19.42 -3.59 14.92
N PRO A 578 -20.23 -2.85 14.14
CA PRO A 578 -21.51 -3.42 13.72
C PRO A 578 -21.34 -4.70 12.91
N LEU A 579 -20.32 -4.77 12.06
CA LEU A 579 -20.07 -5.99 11.33
C LEU A 579 -19.65 -7.11 12.28
N TYR A 580 -18.75 -6.81 13.21
CA TYR A 580 -18.30 -7.79 14.19
C TYR A 580 -19.45 -8.40 14.96
N GLN A 581 -20.41 -7.57 15.41
CA GLN A 581 -21.53 -8.09 16.17
C GLN A 581 -22.39 -8.99 15.30
N TRP A 582 -22.57 -8.64 14.03
CA TRP A 582 -23.41 -9.45 13.17
C TRP A 582 -22.75 -10.80 12.89
N LEU A 583 -21.45 -10.81 12.63
CA LEU A 583 -20.75 -12.06 12.35
C LEU A 583 -20.76 -13.00 13.53
N LEU A 584 -20.52 -12.47 14.75
CA LEU A 584 -20.52 -13.31 15.95
C LEU A 584 -21.80 -14.13 16.03
N GLU A 585 -22.94 -13.49 15.80
CA GLU A 585 -24.22 -14.19 15.88
C GLU A 585 -24.44 -15.07 14.66
N GLU A 586 -24.10 -14.59 13.45
CA GLU A 586 -24.42 -15.35 12.24
C GLU A 586 -23.54 -16.60 12.12
N ASN A 587 -22.26 -16.53 12.48
CA ASN A 587 -21.43 -17.74 12.48
C ASN A 587 -21.97 -18.78 13.47
N LYS A 588 -22.43 -18.34 14.64
CA LYS A 588 -23.05 -19.26 15.60
C LYS A 588 -24.30 -19.90 14.99
N ARG A 589 -25.16 -19.09 14.37
CA ARG A 589 -26.39 -19.63 13.78
C ARG A 589 -26.06 -20.66 12.71
N LEU A 590 -25.10 -20.36 11.84
CA LEU A 590 -24.85 -21.22 10.70
C LEU A 590 -24.03 -22.46 11.07
N GLY A 591 -23.38 -22.44 12.23
CA GLY A 591 -22.46 -23.51 12.58
C GLY A 591 -21.15 -23.44 11.85
N ALA A 592 -20.70 -22.25 11.45
CA ALA A 592 -19.42 -22.13 10.79
C ALA A 592 -18.28 -22.26 11.79
N HIS A 593 -17.29 -23.11 11.50
CA HIS A 593 -16.12 -23.17 12.36
C HIS A 593 -15.36 -21.84 12.28
N VAL A 594 -14.84 -21.40 13.41
CA VAL A 594 -13.95 -20.26 13.50
C VAL A 594 -12.53 -20.76 13.78
N GLY A 595 -11.54 -20.11 13.16
CA GLY A 595 -10.16 -20.51 13.26
C GLY A 595 -9.80 -21.62 12.27
N TRP A 596 -8.55 -22.07 12.35
CA TRP A 596 -8.06 -23.03 11.37
C TRP A 596 -6.84 -23.80 11.87
N THR A 597 -6.76 -25.05 11.46
CA THR A 597 -5.51 -25.79 11.60
C THR A 597 -4.42 -25.14 10.75
N ASP A 598 -3.17 -25.48 11.06
CA ASP A 598 -2.03 -24.99 10.29
C ASP A 598 -2.05 -25.56 8.88
N SER A 599 -1.63 -24.76 7.90
CA SER A 599 -1.55 -25.25 6.53
C SER A 599 -0.51 -26.36 6.39
N GLN A 600 -0.82 -27.33 5.54
CA GLN A 600 0.11 -28.39 5.16
C GLN A 600 0.59 -28.22 3.73
N LYS A 601 0.46 -27.03 3.15
CA LYS A 601 0.72 -26.83 1.75
C LYS A 601 2.15 -26.40 1.43
N CYS A 602 3.08 -26.47 2.38
CA CYS A 602 4.48 -26.20 2.12
C CYS A 602 5.34 -27.21 2.87
N VAL A 603 6.21 -27.91 2.12
CA VAL A 603 6.91 -29.11 2.56
C VAL A 603 8.42 -28.83 2.58
N SER A 604 9.06 -29.18 3.70
CA SER A 604 10.52 -29.10 3.82
C SER A 604 11.11 -30.52 3.98
#